data_5JAB
#
_entry.id   5JAB
#
_cell.length_a   61.756
_cell.length_b   88.620
_cell.length_c   98.625
_cell.angle_alpha   90.000
_cell.angle_beta   90.000
_cell.angle_gamma   90.000
#
_symmetry.space_group_name_H-M   'P 2 21 21'
#
loop_
_entity.id
_entity.type
_entity.pdbx_description
1 polymer 'Biliverdin reductase Rv2074'
2 non-polymer 'COENZYME F420-3'
3 non-polymer 'CHLORIDE ION'
4 water water
#
_entity_poly.entity_id   1
_entity_poly.type   'polypeptide(L)'
_entity_poly.pdbx_seq_one_letter_code
;MAMVNTTTRLSDDALAFLSERHLAMLTTLRADNSPHVVAVGFTFDPKTHIARVITTGGSQKAVNADRSGLAVLSQVDGAR
WLSLEGRAAVNSDIDAVRDAELRYAQRYRTPRPNPRRVVIEVQIERVLGSADLLD
;
_entity_poly.pdbx_strand_id   A,B,C,D
#
# COMPACT_ATOMS: atom_id res chain seq x y z
N MET A 1 1.73 15.28 24.09
N MET A 1 0.62 12.80 24.68
CA MET A 1 0.64 14.38 24.60
CA MET A 1 0.65 14.23 24.97
C MET A 1 -0.67 15.14 24.47
C MET A 1 -0.59 15.06 24.53
N ALA A 2 -1.76 14.40 24.40
CA ALA A 2 -3.06 15.07 24.47
C ALA A 2 -4.10 14.13 25.12
N MET A 3 -4.96 14.71 25.94
CA MET A 3 -6.15 13.99 26.42
C MET A 3 -7.19 14.04 25.31
N VAL A 4 -8.02 13.00 25.29
CA VAL A 4 -9.11 12.92 24.36
C VAL A 4 -10.40 12.55 25.12
N ASN A 5 -11.41 13.38 24.90
CA ASN A 5 -12.71 13.28 25.58
C ASN A 5 -13.73 14.13 24.81
N THR A 6 -14.96 14.26 25.32
CA THR A 6 -16.02 14.99 24.58
C THR A 6 -15.69 16.46 24.30
N THR A 7 -14.84 17.08 25.14
CA THR A 7 -14.46 18.50 25.00
C THR A 7 -13.22 18.76 24.15
N THR A 8 -12.57 17.69 23.62
CA THR A 8 -11.26 17.87 22.93
C THR A 8 -11.34 17.62 21.43
N ARG A 9 -10.39 18.23 20.73
CA ARG A 9 -10.23 18.01 19.28
C ARG A 9 -8.74 17.93 18.98
N LEU A 10 -8.31 16.81 18.40
CA LEU A 10 -6.89 16.66 17.98
C LEU A 10 -6.56 17.66 16.92
N SER A 11 -5.25 17.91 16.69
CA SER A 11 -4.88 18.99 15.77
C SER A 11 -5.27 18.56 14.40
N ASP A 12 -5.38 19.55 13.51
CA ASP A 12 -5.72 19.23 12.16
C ASP A 12 -4.67 18.28 11.55
N ASP A 13 -3.39 18.51 11.84
CA ASP A 13 -2.35 17.68 11.27
C ASP A 13 -2.39 16.22 11.77
N ALA A 14 -2.74 16.05 13.04
CA ALA A 14 -2.89 14.71 13.58
C ALA A 14 -4.07 14.01 12.96
N LEU A 15 -5.19 14.73 12.81
CA LEU A 15 -6.40 14.14 12.22
C LEU A 15 -6.11 13.77 10.79
N ALA A 16 -5.40 14.62 10.05
CA ALA A 16 -5.06 14.27 8.67
C ALA A 16 -4.25 12.97 8.59
N PHE A 17 -3.25 12.81 9.48
CA PHE A 17 -2.42 11.63 9.51
C PHE A 17 -3.21 10.37 9.82
N LEU A 18 -4.31 10.53 10.62
CA LEU A 18 -5.16 9.42 10.96
C LEU A 18 -6.12 9.03 9.81
N SER A 19 -6.40 10.01 8.94
CA SER A 19 -7.27 9.71 7.79
CA SER A 19 -7.25 9.79 7.75
C SER A 19 -6.47 9.19 6.61
N GLU A 20 -5.22 9.63 6.45
CA GLU A 20 -4.33 9.04 5.47
C GLU A 20 -4.21 7.51 5.72
N ARG A 21 -3.97 6.74 4.67
CA ARG A 21 -3.67 5.36 4.74
C ARG A 21 -2.30 5.06 5.39
N HIS A 22 -2.34 4.40 6.57
CA HIS A 22 -1.19 3.91 7.24
C HIS A 22 -1.58 2.64 7.95
N LEU A 23 -0.65 1.65 7.95
CA LEU A 23 -0.80 0.49 8.81
C LEU A 23 -0.35 0.83 10.23
N ALA A 24 -0.62 -0.10 11.14
CA ALA A 24 -0.45 0.17 12.55
C ALA A 24 -0.13 -1.07 13.32
N MET A 25 0.18 -0.86 14.59
CA MET A 25 0.23 -1.98 15.55
C MET A 25 -0.89 -1.79 16.58
N LEU A 26 -1.59 -2.89 16.90
CA LEU A 26 -2.47 -2.99 17.97
C LEU A 26 -1.73 -3.67 19.16
N THR A 27 -1.67 -2.97 20.27
CA THR A 27 -1.18 -3.52 21.51
C THR A 27 -2.34 -3.78 22.44
N THR A 28 -2.40 -5.02 22.94
CA THR A 28 -3.27 -5.43 24.03
C THR A 28 -2.43 -6.12 25.11
N LEU A 29 -3.06 -6.51 26.21
CA LEU A 29 -2.36 -7.28 27.25
C LEU A 29 -2.88 -8.73 27.24
N ARG A 30 -1.94 -9.67 27.38
CA ARG A 30 -2.27 -11.09 27.63
C ARG A 30 -2.69 -11.31 29.06
N ALA A 31 -3.12 -12.53 29.36
CA ALA A 31 -3.58 -12.85 30.70
C ALA A 31 -2.46 -12.70 31.77
N ASP A 32 -1.22 -12.91 31.37
CA ASP A 32 -0.09 -12.68 32.26
C ASP A 32 0.39 -11.22 32.28
N ASN A 33 -0.37 -10.32 31.65
CA ASN A 33 -0.08 -8.90 31.57
C ASN A 33 1.07 -8.50 30.69
N SER A 34 1.57 -9.45 29.90
CA SER A 34 2.64 -9.15 28.93
C SER A 34 1.95 -8.51 27.72
N PRO A 35 2.65 -7.58 27.04
CA PRO A 35 2.03 -6.95 25.87
C PRO A 35 2.03 -7.83 24.64
N HIS A 36 0.87 -7.87 23.97
CA HIS A 36 0.68 -8.54 22.72
C HIS A 36 0.59 -7.48 21.62
N VAL A 37 1.50 -7.50 20.65
CA VAL A 37 1.57 -6.44 19.62
C VAL A 37 1.53 -7.06 18.26
N VAL A 38 0.53 -6.65 17.44
CA VAL A 38 0.28 -7.24 16.13
CA VAL A 38 0.28 -7.26 16.14
C VAL A 38 -0.11 -6.19 15.11
N ALA A 39 0.27 -6.43 13.87
CA ALA A 39 0.00 -5.46 12.79
C ALA A 39 -1.48 -5.49 12.42
N VAL A 40 -2.06 -4.32 12.28
CA VAL A 40 -3.49 -4.20 11.88
C VAL A 40 -3.68 -2.95 11.06
N GLY A 41 -4.81 -2.88 10.34
CA GLY A 41 -5.36 -1.62 9.95
C GLY A 41 -6.29 -1.12 11.04
N PHE A 42 -6.55 0.16 11.10
CA PHE A 42 -7.61 0.68 11.95
C PHE A 42 -8.24 1.94 11.38
N THR A 43 -9.44 2.27 11.87
CA THR A 43 -10.06 3.52 11.56
C THR A 43 -10.34 4.33 12.83
N PHE A 44 -10.32 5.65 12.71
CA PHE A 44 -10.58 6.55 13.85
C PHE A 44 -11.67 7.55 13.46
N ASP A 45 -12.73 7.63 14.27
CA ASP A 45 -13.84 8.56 14.02
C ASP A 45 -13.66 9.78 14.94
N PRO A 46 -13.22 10.91 14.40
CA PRO A 46 -13.04 12.13 15.26
C PRO A 46 -14.31 12.61 15.95
N LYS A 47 -15.48 12.30 15.41
CA LYS A 47 -16.75 12.80 16.03
C LYS A 47 -17.01 12.03 17.33
N THR A 48 -16.67 10.75 17.39
CA THR A 48 -16.95 9.91 18.54
C THR A 48 -15.72 9.50 19.35
N HIS A 49 -14.56 9.69 18.77
CA HIS A 49 -13.29 9.26 19.33
C HIS A 49 -13.16 7.72 19.43
N ILE A 50 -13.88 6.99 18.57
CA ILE A 50 -13.84 5.54 18.55
C ILE A 50 -12.87 5.05 17.44
N ALA A 51 -11.90 4.25 17.83
CA ALA A 51 -11.01 3.56 16.91
C ALA A 51 -11.53 2.13 16.73
N ARG A 52 -11.49 1.58 15.52
CA ARG A 52 -11.97 0.24 15.21
C ARG A 52 -10.93 -0.61 14.47
N VAL A 53 -10.82 -1.87 14.88
CA VAL A 53 -10.08 -2.91 14.22
C VAL A 53 -11.01 -4.01 13.86
N ILE A 54 -10.98 -4.44 12.62
CA ILE A 54 -11.73 -5.63 12.25
C ILE A 54 -10.79 -6.80 12.37
N THR A 55 -11.29 -7.93 12.90
CA THR A 55 -10.44 -9.07 13.11
C THR A 55 -11.31 -10.35 13.25
N THR A 56 -10.65 -11.47 13.41
CA THR A 56 -11.40 -12.78 13.60
C THR A 56 -11.81 -12.94 15.01
N GLY A 57 -13.09 -13.30 15.25
CA GLY A 57 -13.51 -13.58 16.59
C GLY A 57 -12.72 -14.74 17.22
N GLY A 58 -12.41 -14.64 18.50
CA GLY A 58 -11.65 -15.67 19.17
C GLY A 58 -10.13 -15.62 18.87
N SER A 59 -9.68 -14.69 18.00
CA SER A 59 -8.22 -14.48 17.79
C SER A 59 -7.61 -13.94 19.05
N GLN A 60 -6.30 -14.16 19.21
CA GLN A 60 -5.62 -13.73 20.36
C GLN A 60 -5.83 -12.27 20.64
N LYS A 61 -5.73 -11.42 19.63
CA LYS A 61 -5.90 -9.99 19.91
C LYS A 61 -7.30 -9.61 20.41
N ALA A 62 -8.30 -10.31 19.88
CA ALA A 62 -9.68 -10.14 20.33
C ALA A 62 -9.93 -10.66 21.76
N VAL A 63 -9.40 -11.83 22.07
CA VAL A 63 -9.44 -12.36 23.42
C VAL A 63 -8.87 -11.38 24.43
N ASN A 64 -7.68 -10.82 24.10
CA ASN A 64 -7.08 -9.87 25.01
C ASN A 64 -7.85 -8.59 25.14
N ALA A 65 -8.37 -8.06 24.02
CA ALA A 65 -9.12 -6.84 24.10
C ALA A 65 -10.33 -7.00 25.03
N ASP A 66 -11.04 -8.13 24.89
CA ASP A 66 -12.20 -8.43 25.67
C ASP A 66 -11.83 -8.62 27.18
N ARG A 67 -10.79 -9.40 27.41
CA ARG A 67 -10.39 -9.78 28.79
C ARG A 67 -9.78 -8.65 29.60
N SER A 68 -8.82 -7.96 29.00
CA SER A 68 -8.16 -6.87 29.71
C SER A 68 -8.70 -5.49 29.44
N GLY A 69 -9.41 -5.33 28.34
CA GLY A 69 -10.19 -4.12 28.21
C GLY A 69 -9.45 -2.87 27.82
N LEU A 70 -8.24 -3.02 27.32
CA LEU A 70 -7.47 -1.88 26.90
C LEU A 70 -6.72 -2.18 25.61
N ALA A 71 -6.43 -1.10 24.89
CA ALA A 71 -5.72 -1.24 23.64
C ALA A 71 -4.98 0.04 23.34
N VAL A 72 -3.97 -0.10 22.47
CA VAL A 72 -3.25 1.04 21.86
C VAL A 72 -3.14 0.77 20.40
N LEU A 73 -3.35 1.81 19.58
CA LEU A 73 -3.18 1.77 18.15
C LEU A 73 -2.12 2.76 17.77
N SER A 74 -1.07 2.27 17.10
CA SER A 74 0.13 3.07 16.87
C SER A 74 0.60 2.99 15.45
N GLN A 75 0.84 4.15 14.86
CA GLN A 75 1.32 4.24 13.46
C GLN A 75 2.50 5.22 13.39
N VAL A 76 3.38 4.96 12.44
CA VAL A 76 4.56 5.74 12.15
C VAL A 76 4.78 5.91 10.65
N ASP A 77 5.22 7.11 10.27
CA ASP A 77 5.65 7.43 8.90
C ASP A 77 6.76 8.39 9.07
N GLY A 78 7.97 7.85 9.10
CA GLY A 78 9.10 8.71 9.38
C GLY A 78 8.98 9.44 10.68
N ALA A 79 9.16 10.75 10.62
CA ALA A 79 9.09 11.64 11.79
C ALA A 79 7.74 11.77 12.42
N ARG A 80 6.65 11.44 11.70
CA ARG A 80 5.32 11.51 12.26
C ARG A 80 4.98 10.18 12.90
N TRP A 81 4.39 10.23 14.08
CA TRP A 81 3.86 9.03 14.69
C TRP A 81 2.79 9.42 15.70
N LEU A 82 1.92 8.46 15.97
CA LEU A 82 0.88 8.61 16.97
C LEU A 82 0.56 7.28 17.62
N SER A 83 0.22 7.31 18.90
CA SER A 83 -0.31 6.15 19.64
C SER A 83 -1.60 6.62 20.29
N LEU A 84 -2.68 5.92 20.00
CA LEU A 84 -3.99 6.20 20.52
C LEU A 84 -4.38 5.12 21.53
N GLU A 85 -4.59 5.52 22.78
CA GLU A 85 -4.84 4.58 23.88
C GLU A 85 -6.26 4.72 24.35
N GLY A 86 -6.83 3.60 24.70
CA GLY A 86 -8.12 3.65 25.34
C GLY A 86 -8.67 2.36 25.82
N ARG A 87 -9.93 2.45 26.29
CA ARG A 87 -10.66 1.25 26.68
C ARG A 87 -11.20 0.49 25.46
N ALA A 88 -11.10 -0.84 25.49
CA ALA A 88 -11.48 -1.69 24.36
C ALA A 88 -12.55 -2.71 24.70
N ALA A 89 -13.39 -3.03 23.71
CA ALA A 89 -14.32 -4.14 23.81
C ALA A 89 -14.53 -4.72 22.44
N VAL A 90 -15.03 -5.95 22.40
CA VAL A 90 -15.28 -6.64 21.18
C VAL A 90 -16.78 -6.57 20.88
N ASN A 91 -17.12 -6.20 19.64
CA ASN A 91 -18.53 -6.14 19.16
C ASN A 91 -18.64 -7.14 18.05
N SER A 92 -19.51 -8.16 18.25
CA SER A 92 -19.72 -9.11 17.21
C SER A 92 -21.06 -8.95 16.44
N ASP A 93 -21.79 -7.88 16.71
CA ASP A 93 -23.03 -7.58 16.02
C ASP A 93 -22.74 -7.41 14.54
N ILE A 94 -23.49 -8.12 13.69
CA ILE A 94 -23.21 -8.08 12.28
C ILE A 94 -23.36 -6.69 11.64
N ASP A 95 -24.30 -5.84 12.16
CA ASP A 95 -24.46 -4.54 11.57
C ASP A 95 -23.24 -3.66 11.94
N ALA A 96 -22.72 -3.84 13.15
CA ALA A 96 -21.50 -3.12 13.60
C ALA A 96 -20.29 -3.57 12.81
N VAL A 97 -20.23 -4.83 12.48
CA VAL A 97 -19.17 -5.40 11.61
C VAL A 97 -19.26 -4.81 10.26
N ARG A 98 -20.45 -4.73 9.66
CA ARG A 98 -20.57 -4.15 8.35
CA ARG A 98 -20.57 -4.10 8.38
C ARG A 98 -20.15 -2.65 8.37
N ASP A 99 -20.57 -1.89 9.37
CA ASP A 99 -20.19 -0.47 9.51
C ASP A 99 -18.65 -0.39 9.58
N ALA A 100 -18.05 -1.25 10.38
CA ALA A 100 -16.56 -1.28 10.48
C ALA A 100 -15.89 -1.61 9.15
N GLU A 101 -16.46 -2.57 8.43
CA GLU A 101 -15.91 -2.90 7.12
C GLU A 101 -15.99 -1.73 6.13
N LEU A 102 -17.07 -0.98 6.14
CA LEU A 102 -17.23 0.19 5.27
C LEU A 102 -16.21 1.26 5.62
N ARG A 103 -16.02 1.47 6.93
CA ARG A 103 -15.00 2.43 7.38
C ARG A 103 -13.62 1.98 6.98
N TYR A 104 -13.31 0.71 7.13
CA TYR A 104 -12.02 0.17 6.76
C TYR A 104 -11.77 0.36 5.27
N ALA A 105 -12.81 0.12 4.42
CA ALA A 105 -12.59 0.30 3.00
C ALA A 105 -12.27 1.69 2.60
N GLN A 106 -12.73 2.68 3.35
CA GLN A 106 -12.37 4.01 2.99
C GLN A 106 -10.83 4.22 3.12
N ARG A 107 -10.30 3.74 4.23
CA ARG A 107 -8.90 3.98 4.52
C ARG A 107 -7.96 3.08 3.72
N TYR A 108 -8.36 1.81 3.54
CA TYR A 108 -7.56 0.74 2.93
C TYR A 108 -8.26 0.33 1.62
N ARG A 109 -8.96 -0.77 1.66
CA ARG A 109 -9.76 -1.21 0.47
C ARG A 109 -10.80 -2.15 1.02
N THR A 110 -11.80 -2.51 0.19
CA THR A 110 -12.77 -3.47 0.66
C THR A 110 -12.05 -4.68 1.18
N PRO A 111 -12.34 -5.11 2.42
CA PRO A 111 -11.68 -6.27 2.99
C PRO A 111 -12.20 -7.58 2.39
N ARG A 112 -11.43 -8.62 2.47
CA ARG A 112 -11.87 -9.92 1.98
C ARG A 112 -12.93 -10.45 2.95
N PRO A 113 -13.87 -11.27 2.42
CA PRO A 113 -14.89 -11.75 3.32
C PRO A 113 -14.35 -12.54 4.47
N ASN A 114 -15.01 -12.48 5.64
CA ASN A 114 -14.59 -13.25 6.80
C ASN A 114 -15.84 -13.50 7.66
N PRO A 115 -16.34 -14.75 7.60
CA PRO A 115 -17.61 -15.04 8.27
C PRO A 115 -17.53 -14.98 9.76
N ARG A 116 -16.32 -14.96 10.32
CA ARG A 116 -16.13 -14.93 11.74
C ARG A 116 -15.65 -13.51 12.22
N ARG A 117 -15.76 -12.51 11.36
CA ARG A 117 -15.31 -11.12 11.71
C ARG A 117 -16.02 -10.47 12.86
N VAL A 118 -15.26 -9.80 13.73
CA VAL A 118 -15.76 -9.04 14.80
C VAL A 118 -15.04 -7.66 14.75
N VAL A 119 -15.51 -6.70 15.53
CA VAL A 119 -14.85 -5.40 15.65
C VAL A 119 -14.31 -5.21 17.03
N ILE A 120 -13.03 -4.80 17.16
CA ILE A 120 -12.55 -4.29 18.42
C ILE A 120 -12.76 -2.78 18.40
N GLU A 121 -13.55 -2.27 19.34
CA GLU A 121 -13.85 -0.84 19.44
C GLU A 121 -13.08 -0.27 20.61
N VAL A 122 -12.40 0.84 20.38
CA VAL A 122 -11.56 1.43 21.38
C VAL A 122 -11.96 2.86 21.56
N GLN A 123 -12.30 3.21 22.82
CA GLN A 123 -12.71 4.56 23.14
C GLN A 123 -11.50 5.32 23.52
N ILE A 124 -11.00 6.16 22.62
CA ILE A 124 -9.67 6.77 22.75
C ILE A 124 -9.72 7.86 23.81
N GLU A 125 -8.81 7.74 24.77
CA GLU A 125 -8.73 8.69 25.88
C GLU A 125 -7.43 9.42 26.00
N ARG A 126 -6.35 8.92 25.39
CA ARG A 126 -5.03 9.58 25.53
C ARG A 126 -4.30 9.33 24.21
N VAL A 127 -3.51 10.30 23.77
CA VAL A 127 -2.71 10.20 22.60
C VAL A 127 -1.25 10.57 22.97
N LEU A 128 -0.30 9.77 22.45
CA LEU A 128 1.08 10.11 22.43
C LEU A 128 1.50 10.33 20.99
N GLY A 129 2.52 11.11 20.76
CA GLY A 129 3.04 11.19 19.40
C GLY A 129 4.11 12.27 19.19
N SER A 130 4.47 12.48 17.95
CA SER A 130 5.48 13.46 17.65
C SER A 130 4.97 14.91 17.98
N ALA A 131 5.92 15.76 18.37
CA ALA A 131 5.60 17.05 18.91
C ALA A 131 4.87 17.93 17.93
N ASP A 132 5.23 17.82 16.68
CA ASP A 132 4.55 18.58 15.62
C ASP A 132 3.09 18.27 15.46
N LEU A 133 2.66 17.07 15.85
CA LEU A 133 1.26 16.68 15.73
C LEU A 133 0.42 17.00 16.92
N LEU A 134 1.07 17.17 18.06
CA LEU A 134 0.33 17.28 19.31
C LEU A 134 0.16 18.72 19.77
N ASP A 135 -0.90 18.90 20.56
N ASP A 135 -0.93 18.84 20.52
CA ASP A 135 -1.96 19.89 20.32
CA ASP A 135 -1.94 19.81 20.26
C ASP A 135 -3.24 19.04 20.34
C ASP A 135 -1.81 20.91 21.32
N ARG B 9 12.56 -19.94 15.45
CA ARG B 9 11.37 -19.53 14.67
C ARG B 9 11.62 -18.48 13.54
N LEU B 10 12.72 -17.69 13.58
CA LEU B 10 13.02 -16.71 12.52
C LEU B 10 13.71 -17.30 11.28
N SER B 11 12.99 -17.30 10.19
CA SER B 11 13.55 -17.65 8.88
C SER B 11 14.57 -16.69 8.28
N ASP B 12 15.14 -17.07 7.15
CA ASP B 12 15.98 -16.15 6.35
C ASP B 12 15.24 -14.87 5.93
N ASP B 13 13.99 -15.02 5.49
CA ASP B 13 13.21 -13.84 5.11
C ASP B 13 12.95 -12.91 6.31
N ALA B 14 12.72 -13.49 7.48
CA ALA B 14 12.58 -12.69 8.70
C ALA B 14 13.87 -11.95 9.05
N LEU B 15 15.01 -12.63 8.96
CA LEU B 15 16.30 -11.98 9.24
C LEU B 15 16.56 -10.85 8.26
N ALA B 16 16.25 -11.07 6.96
CA ALA B 16 16.41 -10.02 5.98
C ALA B 16 15.54 -8.78 6.30
N PHE B 17 14.31 -9.00 6.75
CA PHE B 17 13.38 -7.95 7.07
C PHE B 17 13.93 -7.13 8.22
N LEU B 18 14.56 -7.81 9.17
CA LEU B 18 15.12 -7.16 10.36
C LEU B 18 16.38 -6.35 10.04
N SER B 19 17.08 -6.73 8.99
N SER B 19 17.11 -6.73 8.99
CA SER B 19 18.27 -5.99 8.53
CA SER B 19 18.28 -5.95 8.59
C SER B 19 17.93 -4.80 7.66
C SER B 19 17.95 -4.79 7.63
N GLU B 20 16.91 -4.96 6.82
CA GLU B 20 16.43 -3.89 6.02
C GLU B 20 16.05 -2.68 6.88
N ARG B 21 16.15 -1.51 6.30
CA ARG B 21 15.73 -0.30 7.01
C ARG B 21 14.24 -0.24 7.14
N HIS B 22 13.73 -0.34 8.39
CA HIS B 22 12.34 -0.09 8.75
C HIS B 22 12.29 0.54 10.15
N LEU B 23 11.33 1.45 10.35
CA LEU B 23 11.01 2.00 11.67
C LEU B 23 10.10 1.02 12.39
N ALA B 24 9.94 1.23 13.68
CA ALA B 24 9.28 0.29 14.54
C ALA B 24 8.55 0.98 15.68
N MET B 25 7.83 0.19 16.44
CA MET B 25 7.28 0.60 17.73
C MET B 25 8.00 -0.16 18.83
N LEU B 26 8.40 0.57 19.88
CA LEU B 26 8.81 0.00 21.16
C LEU B 26 7.66 0.09 22.13
N THR B 27 7.24 -1.05 22.63
CA THR B 27 6.25 -1.15 23.68
C THR B 27 6.91 -1.53 25.00
N THR B 28 6.65 -0.71 26.02
CA THR B 28 7.03 -0.96 27.42
C THR B 28 5.81 -0.73 28.28
N LEU B 29 5.92 -0.99 29.58
CA LEU B 29 4.81 -0.82 30.50
C LEU B 29 5.10 0.32 31.42
N ARG B 30 4.11 1.15 31.63
CA ARG B 30 4.18 2.24 32.63
C ARG B 30 4.03 1.65 34.01
N ALA B 31 4.14 2.57 34.99
CA ALA B 31 4.07 2.17 36.39
C ALA B 31 2.72 1.55 36.73
N ASP B 32 1.66 1.98 36.08
CA ASP B 32 0.36 1.36 36.24
C ASP B 32 0.05 0.11 35.37
N ASN B 33 1.06 -0.39 34.68
CA ASN B 33 0.94 -1.56 33.71
C ASN B 33 0.20 -1.27 32.39
N SER B 34 -0.10 -0.01 32.11
CA SER B 34 -0.67 0.35 30.78
C SER B 34 0.49 0.40 29.76
N PRO B 35 0.22 -0.01 28.52
CA PRO B 35 1.30 -0.03 27.52
C PRO B 35 1.65 1.36 27.00
N HIS B 36 2.94 1.60 26.95
CA HIS B 36 3.52 2.80 26.43
C HIS B 36 4.14 2.41 25.11
N VAL B 37 3.66 2.99 23.99
CA VAL B 37 4.08 2.55 22.70
C VAL B 37 4.57 3.77 21.91
N VAL B 38 5.85 3.71 21.49
CA VAL B 38 6.51 4.88 20.86
CA VAL B 38 6.54 4.87 20.89
C VAL B 38 7.34 4.42 19.67
N ALA B 39 7.41 5.32 18.65
CA ALA B 39 8.15 5.06 17.45
C ALA B 39 9.65 5.12 17.78
N VAL B 40 10.37 4.14 17.26
CA VAL B 40 11.82 4.04 17.42
C VAL B 40 12.46 3.40 16.21
N GLY B 41 13.75 3.59 16.06
CA GLY B 41 14.54 2.57 15.31
C GLY B 41 15.02 1.46 16.29
N PHE B 42 15.41 0.29 15.79
CA PHE B 42 16.08 -0.69 16.57
C PHE B 42 17.00 -1.52 15.72
N THR B 43 17.94 -2.20 16.39
CA THR B 43 18.78 -3.16 15.73
C THR B 43 18.64 -4.50 16.37
N PHE B 44 18.86 -5.57 15.57
CA PHE B 44 18.73 -6.94 16.04
C PHE B 44 19.95 -7.74 15.62
N ASP B 45 20.61 -8.36 16.59
CA ASP B 45 21.74 -9.21 16.32
C ASP B 45 21.26 -10.66 16.33
N PRO B 46 21.21 -11.30 15.15
CA PRO B 46 20.77 -12.71 15.08
C PRO B 46 21.64 -13.71 15.85
N LYS B 47 22.90 -13.38 16.08
CA LYS B 47 23.76 -14.32 16.80
CA LYS B 47 23.81 -14.31 16.81
C LYS B 47 23.40 -14.37 18.27
N THR B 48 23.13 -13.21 18.87
CA THR B 48 22.86 -13.14 20.30
C THR B 48 21.36 -13.01 20.68
N HIS B 49 20.55 -12.73 19.67
CA HIS B 49 19.13 -12.46 19.83
C HIS B 49 18.86 -11.19 20.65
N ILE B 50 19.81 -10.26 20.67
CA ILE B 50 19.61 -9.00 21.38
C ILE B 50 19.10 -7.94 20.38
N ALA B 51 17.99 -7.31 20.76
CA ALA B 51 17.50 -6.11 20.10
C ALA B 51 17.87 -4.88 20.94
N ARG B 52 18.28 -3.80 20.26
CA ARG B 52 18.74 -2.59 20.92
C ARG B 52 18.01 -1.35 20.40
N VAL B 53 17.61 -0.50 21.36
CA VAL B 53 17.12 0.85 21.08
C VAL B 53 18.05 1.84 21.76
N ILE B 54 18.47 2.85 21.01
CA ILE B 54 19.20 3.95 21.64
C ILE B 54 18.21 5.05 22.00
N THR B 55 18.37 5.66 23.19
CA THR B 55 17.45 6.66 23.63
C THR B 55 18.13 7.53 24.68
N THR B 56 17.44 8.61 25.09
CA THR B 56 17.96 9.47 26.18
C THR B 56 17.73 8.80 27.53
N GLY B 57 18.75 8.84 28.38
CA GLY B 57 18.60 8.33 29.73
C GLY B 57 17.52 9.12 30.48
N GLY B 58 16.71 8.43 31.27
CA GLY B 58 15.65 9.10 32.00
C GLY B 58 14.42 9.42 31.19
N SER B 59 14.45 9.09 29.89
CA SER B 59 13.26 9.29 29.07
C SER B 59 12.23 8.31 29.52
N GLN B 60 10.98 8.60 29.19
CA GLN B 60 9.91 7.76 29.65
C GLN B 60 10.07 6.31 29.24
N LYS B 61 10.47 6.08 27.98
CA LYS B 61 10.58 4.69 27.54
C LYS B 61 11.69 3.90 28.32
N ALA B 62 12.79 4.61 28.65
CA ALA B 62 13.89 4.06 29.39
C ALA B 62 13.52 3.78 30.84
N VAL B 63 12.81 4.74 31.43
CA VAL B 63 12.25 4.55 32.80
C VAL B 63 11.42 3.31 32.83
N ASN B 64 10.50 3.15 31.86
CA ASN B 64 9.68 1.96 31.85
C ASN B 64 10.42 0.67 31.61
N ALA B 65 11.38 0.64 30.68
CA ALA B 65 12.18 -0.54 30.43
C ALA B 65 12.89 -1.00 31.71
N ASP B 66 13.48 -0.07 32.43
CA ASP B 66 14.25 -0.35 33.65
C ASP B 66 13.30 -0.81 34.74
N ARG B 67 12.19 -0.09 34.92
CA ARG B 67 11.25 -0.31 36.03
C ARG B 67 10.45 -1.59 35.88
N SER B 68 9.85 -1.78 34.71
CA SER B 68 9.07 -2.99 34.46
C SER B 68 9.81 -4.16 33.74
N GLY B 69 10.91 -3.93 33.04
CA GLY B 69 11.76 -5.02 32.62
C GLY B 69 11.32 -5.81 31.42
N LEU B 70 10.33 -5.31 30.69
CA LEU B 70 9.77 -6.02 29.54
C LEU B 70 9.71 -5.03 28.36
N ALA B 71 9.87 -5.57 27.16
CA ALA B 71 9.71 -4.74 25.94
C ALA B 71 9.30 -5.58 24.77
N VAL B 72 8.75 -4.91 23.77
CA VAL B 72 8.45 -5.51 22.49
C VAL B 72 8.95 -4.54 21.42
N LEU B 73 9.53 -5.05 20.38
CA LEU B 73 9.87 -4.25 19.18
C LEU B 73 9.12 -4.79 17.97
N SER B 74 8.36 -3.92 17.28
CA SER B 74 7.38 -4.36 16.27
C SER B 74 7.48 -3.54 15.01
N GLN B 75 7.59 -4.17 13.85
CA GLN B 75 7.69 -3.44 12.60
C GLN B 75 6.74 -4.07 11.59
N VAL B 76 6.28 -3.25 10.66
CA VAL B 76 5.35 -3.68 9.59
C VAL B 76 5.73 -3.05 8.30
N ASP B 77 5.61 -3.82 7.19
CA ASP B 77 5.77 -3.25 5.82
C ASP B 77 4.75 -4.05 4.99
N GLY B 78 3.55 -3.53 4.88
CA GLY B 78 2.52 -4.29 4.19
C GLY B 78 2.24 -5.59 4.86
N ALA B 79 2.26 -6.69 4.06
CA ALA B 79 2.00 -8.00 4.56
C ALA B 79 3.08 -8.63 5.42
N ARG B 80 4.26 -8.02 5.46
CA ARG B 80 5.29 -8.49 6.37
C ARG B 80 5.27 -7.74 7.69
N TRP B 81 5.29 -8.50 8.78
CA TRP B 81 5.40 -7.89 10.11
C TRP B 81 5.99 -8.82 11.11
N LEU B 82 6.65 -8.26 12.12
CA LEU B 82 7.22 -9.03 13.23
C LEU B 82 7.09 -8.29 14.54
N SER B 83 6.90 -9.02 15.65
CA SER B 83 7.05 -8.49 17.00
C SER B 83 8.03 -9.36 17.74
N LEU B 84 9.08 -8.73 18.31
CA LEU B 84 10.13 -9.38 19.08
C LEU B 84 10.02 -9.00 20.55
N GLU B 85 9.69 -9.97 21.40
CA GLU B 85 9.38 -9.77 22.79
C GLU B 85 10.49 -10.28 23.67
N GLY B 86 10.75 -9.57 24.76
CA GLY B 86 11.74 -10.09 25.70
C GLY B 86 11.96 -9.21 26.87
N ARG B 87 12.91 -9.66 27.70
CA ARG B 87 13.26 -8.94 28.89
C ARG B 87 14.28 -7.82 28.55
N ALA B 88 14.05 -6.68 29.17
CA ALA B 88 14.74 -5.39 28.82
C ALA B 88 15.47 -4.83 30.04
N ALA B 89 16.62 -4.22 29.72
CA ALA B 89 17.37 -3.50 30.72
C ALA B 89 18.04 -2.36 30.03
N VAL B 90 18.43 -1.37 30.82
CA VAL B 90 19.07 -0.19 30.29
C VAL B 90 20.57 -0.27 30.55
N ASN B 91 21.38 -0.06 29.53
CA ASN B 91 22.83 -0.11 29.66
C ASN B 91 23.34 1.29 29.33
N SER B 92 24.02 1.96 30.27
CA SER B 92 24.60 3.25 30.08
C SER B 92 26.15 3.22 29.95
N ASP B 93 26.74 2.05 29.88
CA ASP B 93 28.21 1.92 29.67
C ASP B 93 28.64 2.62 28.36
N ILE B 94 29.69 3.41 28.42
CA ILE B 94 30.01 4.26 27.31
C ILE B 94 30.45 3.44 26.06
N ASP B 95 31.09 2.28 26.26
CA ASP B 95 31.45 1.44 25.10
C ASP B 95 30.23 0.73 24.51
N ALA B 96 29.33 0.27 25.37
CA ALA B 96 28.02 -0.29 24.89
C ALA B 96 27.24 0.72 24.07
N VAL B 97 27.22 1.96 24.52
CA VAL B 97 26.47 3.03 23.81
C VAL B 97 27.12 3.28 22.49
N ARG B 98 28.46 3.38 22.44
CA ARG B 98 29.12 3.59 21.16
CA ARG B 98 29.13 3.59 21.17
C ARG B 98 28.82 2.45 20.20
N ASP B 99 28.90 1.23 20.71
CA ASP B 99 28.63 0.02 19.87
C ASP B 99 27.18 0.05 19.37
N ALA B 100 26.25 0.43 20.23
CA ALA B 100 24.81 0.56 19.80
C ALA B 100 24.61 1.67 18.78
N GLU B 101 25.30 2.82 18.91
CA GLU B 101 25.30 3.84 17.90
C GLU B 101 25.82 3.39 16.53
N LEU B 102 26.89 2.60 16.54
CA LEU B 102 27.43 2.07 15.30
C LEU B 102 26.43 1.09 14.65
N ARG B 103 25.88 0.23 15.46
CA ARG B 103 24.84 -0.69 14.94
C ARG B 103 23.66 0.09 14.33
N TYR B 104 23.20 1.14 15.01
CA TYR B 104 22.08 1.94 14.52
C TYR B 104 22.38 2.55 13.21
N ALA B 105 23.63 3.03 13.02
CA ALA B 105 24.04 3.61 11.78
C ALA B 105 24.07 2.61 10.62
N GLN B 106 24.27 1.32 10.91
CA GLN B 106 24.31 0.28 9.89
C GLN B 106 22.94 0.16 9.28
N ARG B 107 21.93 0.27 10.11
CA ARG B 107 20.52 0.14 9.63
C ARG B 107 19.93 1.42 9.10
N TYR B 108 20.23 2.53 9.79
CA TYR B 108 19.60 3.82 9.55
C TYR B 108 20.69 4.75 9.00
N ARG B 109 21.25 5.60 9.84
CA ARG B 109 22.36 6.46 9.52
C ARG B 109 22.96 6.91 10.81
N THR B 110 24.13 7.56 10.74
CA THR B 110 24.75 7.98 11.95
C THR B 110 23.76 8.81 12.77
N PRO B 111 23.56 8.45 14.05
CA PRO B 111 22.61 9.22 14.87
C PRO B 111 23.23 10.55 15.36
N ARG B 112 22.37 11.49 15.75
CA ARG B 112 22.82 12.77 16.33
C ARG B 112 23.60 12.49 17.57
N PRO B 113 24.65 13.26 17.84
CA PRO B 113 25.31 13.08 19.11
C PRO B 113 24.41 13.39 20.29
N ASN B 114 24.59 12.64 21.34
CA ASN B 114 23.83 12.82 22.54
C ASN B 114 24.62 12.19 23.72
N PRO B 115 25.22 13.02 24.58
CA PRO B 115 26.01 12.47 25.65
C PRO B 115 25.17 11.76 26.69
N ARG B 116 23.86 12.00 26.69
CA ARG B 116 22.98 11.37 27.70
C ARG B 116 22.35 10.07 27.17
N ARG B 117 22.81 9.66 26.03
CA ARG B 117 22.31 8.40 25.41
C ARG B 117 22.57 7.18 26.23
N VAL B 118 21.56 6.29 26.26
CA VAL B 118 21.68 4.96 26.83
C VAL B 118 21.14 3.93 25.84
N VAL B 119 21.35 2.65 26.13
CA VAL B 119 20.85 1.56 25.25
C VAL B 119 19.82 0.76 26.02
N ILE B 120 18.63 0.56 25.43
CA ILE B 120 17.70 -0.43 25.99
C ILE B 120 18.02 -1.72 25.26
N GLU B 121 18.48 -2.72 26.01
CA GLU B 121 18.84 -3.99 25.46
CA GLU B 121 18.87 -4.00 25.46
C GLU B 121 17.76 -5.00 25.77
N VAL B 122 17.28 -5.70 24.74
CA VAL B 122 16.13 -6.61 24.92
C VAL B 122 16.59 -8.01 24.48
N GLN B 123 16.52 -8.99 25.39
CA GLN B 123 16.89 -10.35 25.09
C GLN B 123 15.65 -11.03 24.57
N ILE B 124 15.61 -11.25 23.28
CA ILE B 124 14.35 -11.66 22.57
C ILE B 124 14.09 -13.13 22.89
N GLU B 125 12.94 -13.39 23.47
CA GLU B 125 12.53 -14.75 23.90
C GLU B 125 11.37 -15.28 23.09
N ARG B 126 10.60 -14.42 22.44
CA ARG B 126 9.40 -14.87 21.71
C ARG B 126 9.21 -13.95 20.52
N VAL B 127 8.81 -14.51 19.37
CA VAL B 127 8.56 -13.77 18.17
C VAL B 127 7.14 -14.08 17.70
N LEU B 128 6.43 -13.03 17.31
CA LEU B 128 5.19 -13.13 16.58
C LEU B 128 5.43 -12.53 15.21
N GLY B 129 4.62 -12.91 14.23
CA GLY B 129 4.68 -12.25 12.99
C GLY B 129 3.87 -12.90 11.89
N SER B 130 4.06 -12.39 10.71
CA SER B 130 3.35 -12.94 9.53
C SER B 130 3.79 -14.38 9.34
N ALA B 131 2.81 -15.22 8.92
CA ALA B 131 3.05 -16.65 8.81
C ALA B 131 4.17 -16.99 7.87
N ASP B 132 4.25 -16.28 6.75
CA ASP B 132 5.26 -16.50 5.74
C ASP B 132 6.67 -16.15 6.22
N LEU B 133 6.85 -15.36 7.28
CA LEU B 133 8.16 -15.13 7.91
C LEU B 133 8.57 -16.07 9.01
N LEU B 134 7.62 -16.78 9.58
CA LEU B 134 7.93 -17.65 10.73
C LEU B 134 8.07 -19.17 10.38
N ASP B 135 9.00 -19.85 11.03
CA ASP B 135 9.26 -21.33 10.87
C ASP B 135 9.01 -22.04 12.21
N ARG C 9 -22.62 10.59 -23.38
CA ARG C 9 -21.90 9.30 -23.60
C ARG C 9 -21.76 8.48 -22.33
N LEU C 10 -21.35 9.16 -21.25
CA LEU C 10 -21.26 8.54 -19.94
C LEU C 10 -22.60 8.50 -19.26
N SER C 11 -23.12 7.30 -19.15
CA SER C 11 -24.32 7.04 -18.38
C SER C 11 -24.18 7.28 -16.87
N ASP C 12 -25.30 7.21 -16.17
CA ASP C 12 -25.26 7.25 -14.73
C ASP C 12 -24.50 6.08 -14.07
N ASP C 13 -24.59 4.90 -14.66
CA ASP C 13 -23.77 3.78 -14.19
C ASP C 13 -22.27 4.02 -14.39
N ALA C 14 -21.90 4.68 -15.48
CA ALA C 14 -20.51 5.02 -15.72
C ALA C 14 -20.02 6.00 -14.64
N LEU C 15 -20.87 6.97 -14.33
CA LEU C 15 -20.50 7.96 -13.34
C LEU C 15 -20.36 7.34 -11.99
N ALA C 16 -21.23 6.42 -11.63
CA ALA C 16 -21.11 5.72 -10.40
C ALA C 16 -19.77 4.93 -10.35
N PHE C 17 -19.41 4.28 -11.45
CA PHE C 17 -18.13 3.52 -11.55
C PHE C 17 -16.91 4.42 -11.36
N LEU C 18 -17.05 5.66 -11.78
CA LEU C 18 -15.95 6.67 -11.64
C LEU C 18 -15.87 7.28 -10.27
N SER C 19 -16.98 7.24 -9.53
CA SER C 19 -16.97 7.76 -8.14
C SER C 19 -16.66 6.69 -7.10
N GLU C 20 -16.98 5.44 -7.38
CA GLU C 20 -16.48 4.27 -6.61
C GLU C 20 -14.94 4.30 -6.55
N ARG C 21 -14.38 3.70 -5.51
CA ARG C 21 -12.94 3.51 -5.35
C ARG C 21 -12.40 2.43 -6.29
N HIS C 22 -11.63 2.84 -7.30
CA HIS C 22 -10.92 1.91 -8.19
C HIS C 22 -9.64 2.57 -8.55
N LEU C 23 -8.60 1.76 -8.74
CA LEU C 23 -7.32 2.25 -9.23
C LEU C 23 -7.39 2.19 -10.75
N ALA C 24 -6.36 2.75 -11.38
CA ALA C 24 -6.35 2.92 -12.81
C ALA C 24 -4.99 2.84 -13.36
N MET C 25 -4.92 2.86 -14.70
CA MET C 25 -3.68 3.11 -15.38
C MET C 25 -3.71 4.48 -16.07
N LEU C 26 -2.62 5.22 -15.93
CA LEU C 26 -2.36 6.45 -16.72
C LEU C 26 -1.42 6.10 -17.87
N THR C 27 -1.88 6.36 -19.10
CA THR C 27 -1.07 6.22 -20.27
C THR C 27 -0.72 7.60 -20.84
N THR C 28 0.58 7.79 -20.98
CA THR C 28 1.10 8.96 -21.68
C THR C 28 2.07 8.45 -22.77
N LEU C 29 2.63 9.39 -23.57
CA LEU C 29 3.65 9.03 -24.57
C LEU C 29 4.99 9.55 -24.17
N ARG C 30 6.00 8.69 -24.30
CA ARG C 30 7.39 9.07 -24.16
C ARG C 30 7.85 9.86 -25.43
N ALA C 31 9.02 10.45 -25.31
CA ALA C 31 9.60 11.27 -26.38
C ALA C 31 9.70 10.49 -27.67
N ASP C 32 9.96 9.18 -27.60
CA ASP C 32 10.02 8.34 -28.81
C ASP C 32 8.67 7.84 -29.26
N ASN C 33 7.59 8.39 -28.67
CA ASN C 33 6.23 8.06 -28.96
C ASN C 33 5.69 6.67 -28.50
N SER C 34 6.49 5.99 -27.70
CA SER C 34 6.10 4.70 -27.13
C SER C 34 5.21 5.00 -25.91
N PRO C 35 4.19 4.15 -25.67
CA PRO C 35 3.31 4.36 -24.50
C PRO C 35 3.97 4.07 -23.16
N HIS C 36 3.82 4.99 -22.18
CA HIS C 36 4.29 4.85 -20.84
C HIS C 36 3.01 4.64 -19.98
N VAL C 37 2.86 3.47 -19.34
CA VAL C 37 1.65 3.12 -18.69
C VAL C 37 1.99 2.76 -17.21
N VAL C 38 1.39 3.51 -16.30
CA VAL C 38 1.69 3.38 -14.86
C VAL C 38 0.41 3.43 -14.05
N ALA C 39 0.44 2.70 -12.92
CA ALA C 39 -0.68 2.71 -12.05
C ALA C 39 -0.85 4.00 -11.27
N VAL C 40 -2.09 4.44 -11.15
CA VAL C 40 -2.42 5.68 -10.42
C VAL C 40 -3.79 5.64 -9.83
N GLY C 41 -4.07 6.52 -8.87
CA GLY C 41 -5.45 6.90 -8.57
C GLY C 41 -5.80 8.11 -9.46
N PHE C 42 -7.04 8.35 -9.66
CA PHE C 42 -7.47 9.56 -10.32
C PHE C 42 -8.83 9.98 -9.85
N THR C 43 -9.16 11.24 -10.12
CA THR C 43 -10.53 11.71 -9.95
C THR C 43 -11.13 12.29 -11.24
N PHE C 44 -12.45 12.20 -11.34
CA PHE C 44 -13.18 12.74 -12.50
C PHE C 44 -14.30 13.64 -12.03
N ASP C 45 -14.35 14.86 -12.59
CA ASP C 45 -15.46 15.78 -12.28
C ASP C 45 -16.44 15.72 -13.47
N PRO C 46 -17.62 15.17 -13.24
CA PRO C 46 -18.60 15.04 -14.32
C PRO C 46 -19.09 16.34 -14.91
N LYS C 47 -19.00 17.42 -14.14
CA LYS C 47 -19.49 18.72 -14.67
C LYS C 47 -18.55 19.31 -15.63
N THR C 48 -17.25 19.20 -15.36
CA THR C 48 -16.25 19.82 -16.20
C THR C 48 -15.56 18.85 -17.16
N HIS C 49 -15.79 17.56 -16.94
CA HIS C 49 -15.07 16.51 -17.65
C HIS C 49 -13.55 16.52 -17.44
N ILE C 50 -13.08 17.04 -16.32
CA ILE C 50 -11.68 17.06 -16.00
C ILE C 50 -11.31 15.87 -15.09
N ALA C 51 -10.34 15.11 -15.54
CA ALA C 51 -9.73 14.00 -14.73
C ALA C 51 -8.42 14.49 -14.20
N ARG C 52 -8.12 14.17 -12.94
CA ARG C 52 -6.92 14.63 -12.31
C ARG C 52 -6.12 13.45 -11.72
N VAL C 53 -4.82 13.52 -11.85
CA VAL C 53 -3.87 12.66 -11.21
C VAL C 53 -2.94 13.50 -10.41
N ILE C 54 -2.72 13.15 -9.12
CA ILE C 54 -1.72 13.82 -8.32
C ILE C 54 -0.44 13.01 -8.35
N THR C 55 0.70 13.66 -8.53
CA THR C 55 1.94 12.98 -8.71
C THR C 55 3.10 13.93 -8.38
N THR C 56 4.29 13.38 -8.38
CA THR C 56 5.51 14.13 -8.07
C THR C 56 5.95 14.89 -9.30
N GLY C 57 6.22 16.15 -9.10
CA GLY C 57 6.70 16.96 -10.23
C GLY C 57 8.04 16.41 -10.74
N GLY C 58 8.22 16.46 -12.06
CA GLY C 58 9.47 15.91 -12.66
C GLY C 58 9.50 14.40 -12.81
N SER C 59 8.47 13.70 -12.30
CA SER C 59 8.36 12.28 -12.55
C SER C 59 8.15 12.02 -14.02
N GLN C 60 8.51 10.81 -14.45
CA GLN C 60 8.34 10.46 -15.86
C GLN C 60 6.94 10.69 -16.39
N LYS C 61 5.90 10.33 -15.64
CA LYS C 61 4.58 10.43 -16.16
C LYS C 61 4.20 11.95 -16.38
N ALA C 62 4.68 12.79 -15.47
CA ALA C 62 4.44 14.23 -15.50
C ALA C 62 5.18 14.88 -16.70
N VAL C 63 6.42 14.46 -16.88
CA VAL C 63 7.20 14.91 -18.06
C VAL C 63 6.48 14.57 -19.36
N ASN C 64 6.02 13.32 -19.49
CA ASN C 64 5.33 12.91 -20.65
C ASN C 64 3.99 13.63 -20.87
N ALA C 65 3.20 13.79 -19.80
CA ALA C 65 1.92 14.49 -19.91
C ALA C 65 2.15 15.94 -20.44
N ASP C 66 3.11 16.59 -19.91
CA ASP C 66 3.46 17.98 -20.27
C ASP C 66 3.98 18.03 -21.71
N ARG C 67 4.88 17.14 -22.04
CA ARG C 67 5.56 17.15 -23.35
C ARG C 67 4.65 16.74 -24.46
N SER C 68 3.99 15.60 -24.33
CA SER C 68 3.13 15.17 -25.39
C SER C 68 1.68 15.60 -25.33
N GLY C 69 1.22 16.06 -24.15
CA GLY C 69 -0.03 16.69 -24.06
C GLY C 69 -1.25 15.87 -24.15
N LEU C 70 -1.10 14.54 -23.95
CA LEU C 70 -2.23 13.67 -23.97
C LEU C 70 -2.10 12.67 -22.83
N ALA C 71 -3.25 12.18 -22.50
CA ALA C 71 -3.32 11.09 -21.47
C ALA C 71 -4.56 10.30 -21.59
N VAL C 72 -4.50 9.07 -21.03
CA VAL C 72 -5.64 8.17 -20.98
C VAL C 72 -5.68 7.67 -19.52
N LEU C 73 -6.85 7.65 -18.95
CA LEU C 73 -7.07 7.04 -17.65
C LEU C 73 -8.00 5.88 -17.80
N SER C 74 -7.59 4.69 -17.31
CA SER C 74 -8.29 3.45 -17.63
C SER C 74 -8.47 2.57 -16.39
N GLN C 75 -9.69 2.17 -16.16
CA GLN C 75 -9.98 1.37 -14.97
C GLN C 75 -10.87 0.20 -15.38
N VAL C 76 -10.69 -0.90 -14.67
CA VAL C 76 -11.42 -2.15 -14.91
C VAL C 76 -11.84 -2.76 -13.57
N ASP C 77 -13.03 -3.35 -13.58
CA ASP C 77 -13.50 -4.16 -12.45
C ASP C 77 -14.35 -5.22 -13.05
N GLY C 78 -13.78 -6.40 -13.28
CA GLY C 78 -14.53 -7.45 -13.99
C GLY C 78 -14.97 -6.99 -15.39
N ALA C 79 -16.24 -7.13 -15.71
CA ALA C 79 -16.82 -6.74 -16.95
C ALA C 79 -17.01 -5.26 -17.17
N ARG C 80 -16.88 -4.45 -16.10
CA ARG C 80 -16.94 -2.99 -16.25
C ARG C 80 -15.57 -2.46 -16.54
N TRP C 81 -15.47 -1.64 -17.55
CA TRP C 81 -14.22 -0.89 -17.77
C TRP C 81 -14.48 0.42 -18.53
N LEU C 82 -13.59 1.39 -18.35
CA LEU C 82 -13.63 2.66 -19.04
C LEU C 82 -12.22 3.09 -19.35
N SER C 83 -12.03 3.77 -20.48
CA SER C 83 -10.87 4.52 -20.77
C SER C 83 -11.30 5.96 -21.14
N LEU C 84 -10.73 6.91 -20.43
CA LEU C 84 -11.04 8.33 -20.59
C LEU C 84 -9.83 8.94 -21.23
N GLU C 85 -9.98 9.43 -22.47
CA GLU C 85 -8.89 10.02 -23.22
C GLU C 85 -9.05 11.53 -23.34
N GLY C 86 -7.94 12.24 -23.26
CA GLY C 86 -7.99 13.66 -23.52
C GLY C 86 -6.70 14.40 -23.47
N ARG C 87 -6.79 15.72 -23.50
CA ARG C 87 -5.60 16.56 -23.50
C ARG C 87 -5.14 16.87 -22.08
N ALA C 88 -3.85 16.80 -21.86
CA ALA C 88 -3.27 16.83 -20.58
C ALA C 88 -2.31 17.95 -20.44
N ALA C 89 -2.22 18.44 -19.23
CA ALA C 89 -1.25 19.40 -18.86
C ALA C 89 -0.94 19.24 -17.39
N VAL C 90 0.22 19.74 -16.99
CA VAL C 90 0.68 19.67 -15.64
C VAL C 90 0.46 21.01 -14.99
N ASN C 91 -0.22 21.00 -13.85
CA ASN C 91 -0.49 22.23 -13.10
C ASN C 91 0.26 22.13 -11.81
N SER C 92 1.26 23.01 -11.58
CA SER C 92 2.00 23.01 -10.34
C SER C 92 1.54 24.13 -9.36
N ASP C 93 0.48 24.88 -9.71
CA ASP C 93 -0.06 25.95 -8.80
C ASP C 93 -0.53 25.31 -7.49
N ILE C 94 -0.10 25.86 -6.37
CA ILE C 94 -0.42 25.24 -5.11
C ILE C 94 -1.93 25.15 -4.81
N ASP C 95 -2.73 26.11 -5.27
N ASP C 95 -2.74 26.11 -5.30
CA ASP C 95 -4.15 26.06 -4.99
CA ASP C 95 -4.18 26.10 -5.09
C ASP C 95 -4.80 24.92 -5.81
C ASP C 95 -4.80 24.92 -5.81
N ALA C 96 -4.29 24.70 -7.01
CA ALA C 96 -4.78 23.57 -7.84
C ALA C 96 -4.40 22.24 -7.21
N VAL C 97 -3.20 22.17 -6.66
CA VAL C 97 -2.72 20.98 -5.97
C VAL C 97 -3.63 20.70 -4.79
N ARG C 98 -3.91 21.71 -3.99
CA ARG C 98 -4.77 21.53 -2.83
C ARG C 98 -6.16 21.05 -3.23
N ASP C 99 -6.72 21.63 -4.29
CA ASP C 99 -8.03 21.26 -4.81
C ASP C 99 -8.00 19.77 -5.23
N ALA C 100 -6.96 19.39 -5.94
CA ALA C 100 -6.79 18.00 -6.37
C ALA C 100 -6.65 17.03 -5.19
N GLU C 101 -5.94 17.46 -4.17
CA GLU C 101 -5.79 16.62 -2.96
C GLU C 101 -7.15 16.40 -2.28
N LEU C 102 -7.98 17.45 -2.21
CA LEU C 102 -9.29 17.31 -1.59
C LEU C 102 -10.15 16.42 -2.42
N ARG C 103 -10.06 16.55 -3.74
CA ARG C 103 -10.84 15.67 -4.62
C ARG C 103 -10.40 14.22 -4.46
N TYR C 104 -9.09 14.02 -4.37
CA TYR C 104 -8.52 12.69 -4.19
C TYR C 104 -9.07 12.09 -2.91
N ALA C 105 -9.14 12.90 -1.84
CA ALA C 105 -9.60 12.34 -0.59
C ALA C 105 -11.05 11.94 -0.67
N GLN C 106 -11.85 12.64 -1.46
CA GLN C 106 -13.30 12.30 -1.59
C GLN C 106 -13.45 10.92 -2.20
N ARG C 107 -12.65 10.56 -3.20
CA ARG C 107 -12.73 9.26 -3.80
C ARG C 107 -12.03 8.16 -2.99
N TYR C 108 -10.85 8.48 -2.48
CA TYR C 108 -10.00 7.52 -1.81
C TYR C 108 -9.91 7.87 -0.31
N ARG C 109 -8.87 8.58 0.11
CA ARG C 109 -8.71 9.09 1.46
C ARG C 109 -7.65 10.17 1.43
N THR C 110 -7.48 10.92 2.49
CA THR C 110 -6.46 11.96 2.48
C THR C 110 -5.13 11.40 1.97
N PRO C 111 -4.51 12.06 0.95
CA PRO C 111 -3.25 11.57 0.51
C PRO C 111 -2.10 11.98 1.42
N ARG C 112 -1.04 11.23 1.35
CA ARG C 112 0.18 11.53 2.12
CA ARG C 112 0.18 11.54 2.14
C ARG C 112 0.72 12.88 1.68
N PRO C 113 1.26 13.64 2.60
CA PRO C 113 1.85 14.90 2.16
C PRO C 113 2.93 14.70 1.12
N ASN C 114 3.01 15.63 0.16
CA ASN C 114 4.06 15.61 -0.81
C ASN C 114 4.31 17.03 -1.26
N PRO C 115 5.36 17.66 -0.71
CA PRO C 115 5.67 19.04 -1.11
C PRO C 115 5.99 19.21 -2.56
N ARG C 116 6.33 18.15 -3.28
CA ARG C 116 6.69 18.27 -4.69
CA ARG C 116 6.69 18.27 -4.69
C ARG C 116 5.53 17.88 -5.62
N ARG C 117 4.34 17.74 -5.03
CA ARG C 117 3.15 17.34 -5.77
C ARG C 117 2.77 18.33 -6.85
N VAL C 118 2.34 17.80 -7.98
CA VAL C 118 1.70 18.52 -9.07
C VAL C 118 0.46 17.75 -9.51
N VAL C 119 -0.41 18.37 -10.30
CA VAL C 119 -1.59 17.77 -10.80
C VAL C 119 -1.48 17.60 -12.32
N ILE C 120 -1.72 16.42 -12.82
CA ILE C 120 -1.94 16.21 -14.23
C ILE C 120 -3.41 16.38 -14.41
N GLU C 121 -3.79 17.47 -15.14
CA GLU C 121 -5.16 17.73 -15.47
C GLU C 121 -5.47 17.28 -16.90
N VAL C 122 -6.54 16.54 -17.05
CA VAL C 122 -6.87 15.96 -18.35
C VAL C 122 -8.25 16.36 -18.70
N GLN C 123 -8.42 17.06 -19.83
CA GLN C 123 -9.72 17.40 -20.32
C GLN C 123 -10.23 16.30 -21.19
N ILE C 124 -11.16 15.52 -20.68
CA ILE C 124 -11.63 14.32 -21.34
C ILE C 124 -12.45 14.63 -22.62
N GLU C 125 -11.99 14.05 -23.74
CA GLU C 125 -12.62 14.24 -25.07
C GLU C 125 -13.22 13.01 -25.72
N ARG C 126 -12.80 11.80 -25.30
CA ARG C 126 -13.32 10.58 -25.85
C ARG C 126 -13.35 9.50 -24.75
N VAL C 127 -14.39 8.69 -24.74
CA VAL C 127 -14.52 7.63 -23.77
C VAL C 127 -14.69 6.30 -24.51
N LEU C 128 -13.90 5.29 -24.11
CA LEU C 128 -14.14 3.90 -24.50
C LEU C 128 -14.54 3.12 -23.27
N GLY C 129 -15.26 2.02 -23.46
CA GLY C 129 -15.60 1.19 -22.33
C GLY C 129 -16.53 0.06 -22.62
N SER C 130 -16.99 -0.60 -21.56
CA SER C 130 -17.94 -1.70 -21.69
C SER C 130 -19.39 -1.24 -22.06
N ALA C 131 -20.20 -2.14 -22.64
CA ALA C 131 -21.53 -1.77 -23.21
C ALA C 131 -22.48 -1.26 -22.18
N ASP C 132 -22.48 -1.90 -21.02
CA ASP C 132 -23.36 -1.49 -19.99
C ASP C 132 -23.18 -0.01 -19.69
N LEU C 133 -21.95 0.46 -19.84
CA LEU C 133 -21.65 1.76 -19.34
C LEU C 133 -21.79 2.90 -20.31
N LEU C 134 -21.78 2.62 -21.60
CA LEU C 134 -21.78 3.68 -22.59
C LEU C 134 -23.17 3.84 -23.22
N ASP C 135 -23.56 5.10 -23.49
CA ASP C 135 -24.85 5.43 -24.16
C ASP C 135 -24.58 6.08 -25.53
N ALA D 2 13.17 -3.03 -15.45
CA ALA D 2 14.03 -4.15 -15.97
C ALA D 2 13.96 -4.28 -17.52
N MET D 3 15.12 -4.55 -18.13
CA MET D 3 15.17 -5.02 -19.52
C MET D 3 14.84 -6.52 -19.55
N VAL D 4 14.25 -6.95 -20.66
CA VAL D 4 13.87 -8.35 -20.84
C VAL D 4 14.42 -8.89 -22.17
N ASN D 5 15.14 -10.02 -22.05
CA ASN D 5 15.79 -10.72 -23.18
C ASN D 5 16.13 -12.18 -22.73
N THR D 6 16.78 -12.96 -23.60
CA THR D 6 16.97 -14.43 -23.35
C THR D 6 17.73 -14.76 -22.07
N THR D 7 18.58 -13.85 -21.60
CA THR D 7 19.33 -14.03 -20.35
C THR D 7 18.60 -13.52 -19.07
N THR D 8 17.42 -12.87 -19.23
CA THR D 8 16.69 -12.19 -18.13
C THR D 8 15.85 -13.16 -17.32
N ARG D 9 15.70 -12.87 -16.02
CA ARG D 9 14.59 -13.37 -15.23
C ARG D 9 13.91 -12.22 -14.46
N LEU D 10 12.59 -12.20 -14.49
CA LEU D 10 11.80 -11.40 -13.50
C LEU D 10 11.86 -12.02 -12.11
N SER D 11 11.58 -11.22 -11.08
CA SER D 11 11.66 -11.73 -9.71
C SER D 11 10.53 -12.69 -9.52
N ASP D 12 10.68 -13.54 -8.50
CA ASP D 12 9.67 -14.52 -8.19
C ASP D 12 8.33 -13.91 -7.92
N ASP D 13 8.35 -12.79 -7.17
CA ASP D 13 7.11 -12.21 -6.77
C ASP D 13 6.40 -11.61 -8.01
N ALA D 14 7.18 -11.04 -8.92
CA ALA D 14 6.58 -10.54 -10.18
C ALA D 14 5.96 -11.67 -10.99
N LEU D 15 6.65 -12.79 -11.09
CA LEU D 15 6.12 -13.96 -11.83
C LEU D 15 4.87 -14.49 -11.21
N ALA D 16 4.80 -14.53 -9.88
CA ALA D 16 3.60 -14.95 -9.19
C ALA D 16 2.41 -14.04 -9.47
N PHE D 17 2.68 -12.73 -9.51
CA PHE D 17 1.66 -11.71 -9.76
C PHE D 17 1.11 -11.88 -11.20
N LEU D 18 2.01 -12.31 -12.10
CA LEU D 18 1.64 -12.56 -13.50
C LEU D 18 0.88 -13.83 -13.74
N SER D 19 1.09 -14.80 -12.83
CA SER D 19 0.33 -16.05 -12.88
CA SER D 19 0.37 -16.07 -12.86
C SER D 19 -1.02 -16.03 -12.19
N GLU D 20 -1.11 -15.36 -11.05
CA GLU D 20 -2.37 -15.02 -10.38
C GLU D 20 -3.39 -14.44 -11.35
N ARG D 21 -4.66 -14.62 -11.07
CA ARG D 21 -5.71 -14.00 -11.84
C ARG D 21 -5.80 -12.49 -11.57
N HIS D 22 -5.49 -11.68 -12.60
CA HIS D 22 -5.72 -10.24 -12.58
C HIS D 22 -6.07 -9.85 -14.02
N LEU D 23 -7.07 -8.98 -14.13
CA LEU D 23 -7.39 -8.32 -15.40
C LEU D 23 -6.36 -7.21 -15.64
N ALA D 24 -6.37 -6.72 -16.88
CA ALA D 24 -5.28 -5.86 -17.31
C ALA D 24 -5.82 -4.85 -18.34
N MET D 25 -4.96 -3.92 -18.69
CA MET D 25 -5.13 -3.03 -19.88
C MET D 25 -4.11 -3.41 -20.95
N LEU D 26 -4.59 -3.50 -22.17
CA LEU D 26 -3.78 -3.56 -23.37
C LEU D 26 -3.73 -2.20 -24.01
N THR D 27 -2.52 -1.68 -24.10
CA THR D 27 -2.31 -0.40 -24.84
C THR D 27 -1.64 -0.72 -26.18
N THR D 28 -2.26 -0.19 -27.23
CA THR D 28 -1.67 -0.19 -28.57
C THR D 28 -1.72 1.25 -29.06
N LEU D 29 -1.18 1.49 -30.25
CA LEU D 29 -1.26 2.82 -30.90
C LEU D 29 -2.22 2.73 -32.07
N ARG D 30 -3.13 3.72 -32.14
CA ARG D 30 -3.99 3.93 -33.33
C ARG D 30 -3.13 4.52 -34.47
N ALA D 31 -3.76 4.64 -35.64
CA ALA D 31 -3.06 5.12 -36.83
C ALA D 31 -2.46 6.53 -36.64
N ASP D 32 -3.14 7.37 -35.85
CA ASP D 32 -2.64 8.71 -35.53
C ASP D 32 -1.60 8.71 -34.41
N ASN D 33 -1.22 7.52 -33.94
CA ASN D 33 -0.23 7.35 -32.88
C ASN D 33 -0.69 7.73 -31.48
N SER D 34 -1.97 7.91 -31.32
CA SER D 34 -2.53 8.10 -30.01
C SER D 34 -2.65 6.71 -29.37
N PRO D 35 -2.56 6.65 -28.05
CA PRO D 35 -2.83 5.36 -27.37
C PRO D 35 -4.24 4.89 -27.25
N HIS D 36 -4.46 3.59 -27.59
CA HIS D 36 -5.70 2.92 -27.52
C HIS D 36 -5.60 1.95 -26.32
N VAL D 37 -6.45 2.13 -25.29
CA VAL D 37 -6.28 1.36 -24.03
C VAL D 37 -7.58 0.69 -23.70
N VAL D 38 -7.53 -0.65 -23.62
CA VAL D 38 -8.74 -1.47 -23.44
CA VAL D 38 -8.71 -1.49 -23.52
C VAL D 38 -8.48 -2.62 -22.46
N ALA D 39 -9.53 -2.98 -21.76
CA ALA D 39 -9.45 -4.03 -20.77
C ALA D 39 -9.34 -5.39 -21.43
N VAL D 40 -8.41 -6.20 -20.94
CA VAL D 40 -8.20 -7.57 -21.44
C VAL D 40 -7.73 -8.48 -20.34
N GLY D 41 -7.87 -9.76 -20.57
CA GLY D 41 -6.98 -10.71 -19.89
C GLY D 41 -5.73 -10.92 -20.71
N PHE D 42 -4.67 -11.39 -20.09
CA PHE D 42 -3.52 -11.81 -20.80
C PHE D 42 -2.75 -12.90 -20.09
N THR D 43 -1.92 -13.62 -20.81
CA THR D 43 -1.02 -14.59 -20.22
C THR D 43 0.42 -14.31 -20.55
N PHE D 44 1.33 -14.68 -19.65
CA PHE D 44 2.74 -14.41 -19.79
C PHE D 44 3.54 -15.71 -19.61
N ASP D 45 4.39 -16.02 -20.56
CA ASP D 45 5.27 -17.21 -20.48
C ASP D 45 6.66 -16.79 -20.07
N PRO D 46 7.07 -17.11 -18.85
CA PRO D 46 8.41 -16.67 -18.37
C PRO D 46 9.58 -17.28 -19.12
N LYS D 47 9.35 -18.40 -19.81
CA LYS D 47 10.45 -19.07 -20.51
C LYS D 47 10.76 -18.35 -21.80
N THR D 48 9.74 -17.84 -22.49
CA THR D 48 9.89 -17.20 -23.79
C THR D 48 9.70 -15.68 -23.75
N HIS D 49 9.23 -15.16 -22.62
CA HIS D 49 8.91 -13.73 -22.45
C HIS D 49 7.80 -13.24 -23.41
N ILE D 50 6.94 -14.15 -23.86
CA ILE D 50 5.84 -13.80 -24.68
C ILE D 50 4.61 -13.59 -23.79
N ALA D 51 3.93 -12.47 -24.00
CA ALA D 51 2.62 -12.18 -23.48
C ALA D 51 1.61 -12.36 -24.58
N ARG D 52 0.47 -12.94 -24.25
CA ARG D 52 -0.61 -13.17 -25.22
C ARG D 52 -1.97 -12.62 -24.77
N VAL D 53 -2.69 -12.02 -25.72
CA VAL D 53 -4.06 -11.65 -25.62
C VAL D 53 -4.87 -12.39 -26.68
N ILE D 54 -5.98 -12.98 -26.29
CA ILE D 54 -6.93 -13.55 -27.27
C ILE D 54 -8.01 -12.49 -27.53
N THR D 55 -8.38 -12.34 -28.80
CA THR D 55 -9.37 -11.34 -29.18
C THR D 55 -10.02 -11.72 -30.50
N THR D 56 -11.06 -10.98 -30.86
CA THR D 56 -11.70 -11.13 -32.20
C THR D 56 -10.83 -10.50 -33.31
N GLY D 57 -10.61 -11.26 -34.39
CA GLY D 57 -9.87 -10.74 -35.53
C GLY D 57 -10.59 -9.51 -36.08
N GLY D 58 -9.83 -8.51 -36.49
CA GLY D 58 -10.40 -7.26 -36.99
C GLY D 58 -10.92 -6.30 -35.96
N SER D 59 -10.85 -6.67 -34.66
CA SER D 59 -11.20 -5.72 -33.61
C SER D 59 -10.17 -4.61 -33.61
N GLN D 60 -10.54 -3.46 -33.04
CA GLN D 60 -9.65 -2.32 -33.07
C GLN D 60 -8.29 -2.60 -32.45
N LYS D 61 -8.26 -3.32 -31.31
CA LYS D 61 -7.00 -3.57 -30.72
C LYS D 61 -6.05 -4.47 -31.61
N ALA D 62 -6.66 -5.42 -32.31
CA ALA D 62 -5.94 -6.33 -33.20
C ALA D 62 -5.41 -5.55 -34.42
N VAL D 63 -6.28 -4.72 -34.94
CA VAL D 63 -5.84 -3.81 -36.07
C VAL D 63 -4.63 -3.01 -35.67
N ASN D 64 -4.68 -2.39 -34.48
CA ASN D 64 -3.59 -1.57 -34.03
C ASN D 64 -2.32 -2.34 -33.76
N ALA D 65 -2.46 -3.53 -33.11
CA ALA D 65 -1.29 -4.32 -32.81
C ALA D 65 -0.55 -4.72 -34.11
N ASP D 66 -1.32 -5.10 -35.11
CA ASP D 66 -0.78 -5.51 -36.40
C ASP D 66 -0.13 -4.31 -37.09
N ARG D 67 -0.86 -3.21 -37.09
CA ARG D 67 -0.45 -2.01 -37.87
C ARG D 67 0.76 -1.34 -37.26
N SER D 68 0.71 -1.04 -35.97
CA SER D 68 1.82 -0.33 -35.33
C SER D 68 2.85 -1.16 -34.63
N GLY D 69 2.49 -2.41 -34.31
CA GLY D 69 3.50 -3.35 -33.91
C GLY D 69 4.06 -3.21 -32.54
N LEU D 70 3.36 -2.47 -31.68
CA LEU D 70 3.79 -2.41 -30.29
C LEU D 70 2.61 -2.52 -29.34
N ALA D 71 2.92 -2.97 -28.12
CA ALA D 71 1.88 -3.15 -27.12
C ALA D 71 2.47 -3.02 -25.73
N VAL D 72 1.57 -2.75 -24.77
CA VAL D 72 1.88 -2.77 -23.33
C VAL D 72 0.71 -3.55 -22.69
N LEU D 73 1.08 -4.43 -21.75
CA LEU D 73 0.10 -5.07 -20.90
C LEU D 73 0.33 -4.62 -19.48
N SER D 74 -0.74 -4.17 -18.82
CA SER D 74 -0.57 -3.48 -17.52
C SER D 74 -1.61 -3.96 -16.55
N GLN D 75 -1.15 -4.33 -15.36
CA GLN D 75 -2.08 -4.81 -14.31
C GLN D 75 -1.71 -4.20 -12.97
N VAL D 76 -2.73 -4.02 -12.14
CA VAL D 76 -2.57 -3.44 -10.85
C VAL D 76 -3.45 -4.17 -9.83
N ASP D 77 -2.91 -4.33 -8.63
CA ASP D 77 -3.68 -4.82 -7.47
C ASP D 77 -3.13 -4.08 -6.27
N GLY D 78 -3.78 -2.99 -5.91
CA GLY D 78 -3.20 -2.17 -4.83
C GLY D 78 -1.82 -1.71 -5.13
N ALA D 79 -0.89 -1.91 -4.20
CA ALA D 79 0.47 -1.47 -4.34
C ALA D 79 1.28 -2.23 -5.35
N ARG D 80 0.82 -3.39 -5.78
CA ARG D 80 1.54 -4.16 -6.81
C ARG D 80 1.06 -3.72 -8.18
N TRP D 81 1.99 -3.46 -9.06
CA TRP D 81 1.62 -3.21 -10.46
C TRP D 81 2.80 -3.51 -11.37
N LEU D 82 2.47 -3.88 -12.61
CA LEU D 82 3.48 -4.12 -13.66
C LEU D 82 2.95 -3.61 -15.00
N SER D 83 3.86 -3.13 -15.83
CA SER D 83 3.61 -2.87 -17.25
C SER D 83 4.71 -3.61 -18.05
N LEU D 84 4.26 -4.46 -18.95
CA LEU D 84 5.11 -5.25 -19.82
C LEU D 84 4.99 -4.67 -21.25
N GLU D 85 6.11 -4.17 -21.79
CA GLU D 85 6.15 -3.51 -23.06
C GLU D 85 6.91 -4.35 -24.08
N GLY D 86 6.42 -4.38 -25.31
CA GLY D 86 7.15 -5.00 -26.35
C GLY D 86 6.57 -4.95 -27.72
N ARG D 87 7.17 -5.74 -28.62
CA ARG D 87 6.70 -5.76 -30.00
C ARG D 87 5.61 -6.76 -30.17
N ALA D 88 4.62 -6.40 -30.94
CA ALA D 88 3.40 -7.14 -31.09
C ALA D 88 3.12 -7.57 -32.52
N ALA D 89 2.41 -8.68 -32.65
CA ALA D 89 1.88 -9.14 -33.95
C ALA D 89 0.65 -9.98 -33.69
N VAL D 90 -0.17 -10.19 -34.72
CA VAL D 90 -1.38 -10.91 -34.66
C VAL D 90 -1.20 -12.26 -35.34
N ASN D 91 -1.60 -13.31 -34.66
CA ASN D 91 -1.43 -14.69 -35.11
C ASN D 91 -2.78 -15.31 -35.22
N SER D 92 -3.21 -15.70 -36.43
CA SER D 92 -4.50 -16.35 -36.63
C SER D 92 -4.40 -17.86 -36.86
N ASP D 93 -3.20 -18.42 -36.72
CA ASP D 93 -2.96 -19.89 -36.82
C ASP D 93 -3.78 -20.66 -35.80
N ILE D 94 -4.52 -21.66 -36.26
CA ILE D 94 -5.49 -22.33 -35.40
C ILE D 94 -4.79 -22.99 -34.17
N ASP D 95 -3.56 -23.45 -34.33
CA ASP D 95 -2.86 -24.11 -33.19
C ASP D 95 -2.38 -23.04 -32.21
N ALA D 96 -1.93 -21.92 -32.73
CA ALA D 96 -1.54 -20.80 -31.87
C ALA D 96 -2.75 -20.28 -31.09
N VAL D 97 -3.92 -20.20 -31.73
CA VAL D 97 -5.13 -19.82 -31.05
C VAL D 97 -5.48 -20.82 -29.97
N ARG D 98 -5.47 -22.11 -30.29
CA ARG D 98 -5.81 -23.10 -29.30
C ARG D 98 -4.83 -23.08 -28.10
N ASP D 99 -3.57 -22.93 -28.36
CA ASP D 99 -2.51 -22.75 -27.35
C ASP D 99 -2.83 -21.56 -26.44
N ALA D 100 -3.17 -20.44 -27.06
CA ALA D 100 -3.60 -19.21 -26.27
C ALA D 100 -4.84 -19.43 -25.47
N GLU D 101 -5.83 -20.17 -26.03
CA GLU D 101 -7.04 -20.47 -25.29
C GLU D 101 -6.76 -21.28 -24.04
N LEU D 102 -5.87 -22.30 -24.18
CA LEU D 102 -5.54 -23.21 -23.06
C LEU D 102 -4.88 -22.39 -21.98
N ARG D 103 -3.98 -21.54 -22.40
CA ARG D 103 -3.31 -20.66 -21.43
C ARG D 103 -4.28 -19.72 -20.73
N TYR D 104 -5.17 -19.09 -21.47
CA TYR D 104 -6.14 -18.20 -20.94
C TYR D 104 -6.99 -18.90 -19.91
N ALA D 105 -7.43 -20.15 -20.18
CA ALA D 105 -8.32 -20.84 -19.24
C ALA D 105 -7.64 -21.16 -17.96
N GLN D 106 -6.33 -21.34 -17.99
CA GLN D 106 -5.56 -21.61 -16.76
C GLN D 106 -5.62 -20.36 -15.85
N ARG D 107 -5.42 -19.18 -16.43
CA ARG D 107 -5.42 -17.95 -15.63
C ARG D 107 -6.82 -17.45 -15.27
N TYR D 108 -7.75 -17.54 -16.21
CA TYR D 108 -9.06 -16.96 -16.10
C TYR D 108 -10.09 -18.08 -16.03
N ARG D 109 -10.75 -18.34 -17.14
CA ARG D 109 -11.65 -19.49 -17.23
C ARG D 109 -11.84 -19.77 -18.69
N THR D 110 -12.47 -20.90 -18.99
CA THR D 110 -12.55 -21.27 -20.37
C THR D 110 -13.15 -20.17 -21.16
N PRO D 111 -12.51 -19.80 -22.25
CA PRO D 111 -13.11 -18.71 -22.96
C PRO D 111 -14.32 -19.13 -23.83
N ARG D 112 -15.16 -18.15 -24.19
CA ARG D 112 -16.34 -18.41 -25.02
C ARG D 112 -15.89 -18.92 -26.39
N PRO D 113 -16.69 -19.79 -27.03
CA PRO D 113 -16.37 -20.14 -28.39
C PRO D 113 -16.30 -18.93 -29.30
N ASN D 114 -15.32 -18.87 -30.19
CA ASN D 114 -15.19 -17.74 -31.09
C ASN D 114 -14.42 -18.16 -32.32
N PRO D 115 -15.15 -18.45 -33.40
CA PRO D 115 -14.45 -18.89 -34.62
C PRO D 115 -13.55 -17.85 -35.20
N ARG D 116 -13.72 -16.58 -34.82
CA ARG D 116 -12.91 -15.53 -35.41
C ARG D 116 -11.79 -15.08 -34.49
N ARG D 117 -11.53 -15.88 -33.45
CA ARG D 117 -10.45 -15.55 -32.52
C ARG D 117 -9.07 -15.53 -33.14
N VAL D 118 -8.28 -14.54 -32.75
CA VAL D 118 -6.89 -14.47 -33.06
C VAL D 118 -6.07 -14.18 -31.78
N VAL D 119 -4.77 -14.29 -31.88
CA VAL D 119 -3.86 -14.06 -30.72
C VAL D 119 -2.99 -12.86 -31.00
N ILE D 120 -2.93 -11.89 -30.10
CA ILE D 120 -1.92 -10.89 -30.15
C ILE D 120 -0.75 -11.34 -29.33
N GLU D 121 0.40 -11.51 -29.97
CA GLU D 121 1.59 -12.02 -29.33
C GLU D 121 2.56 -10.91 -29.12
N VAL D 122 3.02 -10.74 -27.89
CA VAL D 122 3.90 -9.60 -27.55
C VAL D 122 5.20 -10.09 -26.99
N GLN D 123 6.31 -9.69 -27.63
CA GLN D 123 7.58 -10.11 -27.18
C GLN D 123 8.06 -9.06 -26.22
N ILE D 124 8.07 -9.40 -24.95
CA ILE D 124 8.32 -8.41 -23.91
C ILE D 124 9.79 -8.02 -23.88
N GLU D 125 10.06 -6.72 -23.96
CA GLU D 125 11.40 -6.17 -23.95
C GLU D 125 11.74 -5.25 -22.79
N ARG D 126 10.73 -4.68 -22.12
CA ARG D 126 10.96 -3.78 -21.03
C ARG D 126 9.79 -3.93 -20.04
N VAL D 127 10.09 -3.80 -18.76
CA VAL D 127 9.11 -3.93 -17.70
C VAL D 127 9.23 -2.71 -16.82
N LEU D 128 8.07 -2.10 -16.52
CA LEU D 128 7.96 -1.13 -15.47
C LEU D 128 7.06 -1.70 -14.36
N GLY D 129 7.22 -1.20 -13.13
CA GLY D 129 6.35 -1.61 -12.07
C GLY D 129 6.69 -1.11 -10.70
N SER D 130 6.02 -1.66 -9.73
CA SER D 130 6.32 -1.32 -8.35
C SER D 130 7.71 -1.84 -7.94
N ALA D 131 8.38 -1.05 -7.11
CA ALA D 131 9.76 -1.32 -6.73
C ALA D 131 9.94 -2.67 -6.09
N ASP D 132 9.00 -3.07 -5.24
CA ASP D 132 9.07 -4.35 -4.53
C ASP D 132 9.01 -5.55 -5.49
N LEU D 133 8.45 -5.40 -6.69
CA LEU D 133 8.47 -6.49 -7.70
C LEU D 133 9.65 -6.52 -8.62
N LEU D 134 10.35 -5.41 -8.73
CA LEU D 134 11.42 -5.23 -9.69
C LEU D 134 12.80 -4.93 -9.03
N ASP D 135 12.77 -3.90 -8.15
CA ASP D 135 13.73 -2.75 -8.04
C ASP D 135 15.00 -2.79 -8.92
#